data_5FCZ
#
_entry.id   5FCZ
#
_cell.length_a   133.870
_cell.length_b   133.870
_cell.length_c   174.913
_cell.angle_alpha   90.00
_cell.angle_beta   90.00
_cell.angle_gamma   120.00
#
_symmetry.space_group_name_H-M   'P 61 2 2'
#
loop_
_entity.id
_entity.type
_entity.pdbx_description
1 polymer B-N-acetylhexosaminidase
2 non-polymer 1,5-anhydro-2-deoxy-2-(ethanethioylamino)-D-arabino-hex-1-enitol
3 non-polymer 'SULFATE ION'
4 non-polymer GLYCEROL
5 non-polymer 'CHLORIDE ION'
6 water water
#
_entity_poly.entity_id   1
_entity_poly.type   'polypeptide(L)'
_entity_poly.pdbx_seq_one_letter_code
;MHHHHHHHTGAAPDRKAPVRPTPLDRVIPAPASVDPGGAPYRITRGTHIRVDDSREARRVGDYLADLLRPATGYRLPVTA
HGHGGIRLRLAGGPYGDEGYRLDSGPAGVTITARKAAGLFHGVQTLRQLLPPAVEKDSAQPGPWLVAGGTIEDTPRYAWR
SAMLDVSRHFFGVDEVKRYIDRVARYKYNKLHLHLSDDQGWRIAIDSWPRLATYGGSTEVGGGPGGYYTKAEYKEIVRYA
ASRHLEVVPEIDMPGHTNAALASYAELNCDGVAPPLYTGTKVGFSSLCVDKDVTYDFVDDVIGELAALTPGRYLHIGGDE
AHSTPKADFVAFMKRVQPIVAKYGKTVVGWHQLAGAEPVEGALVQYWGLDRTGDAEKAEVAEAARNGTGLILSPADRTYL
DMKYTKDTPLGLSWAGYVEVQRSYDWDPAGYLPGAPADAVRGVEAPLWTETLSDPDQLDYMAFPRLPGVAELGWSPASTH
DWDTYKVRLAAQAPYWEAAGIDFYRSPQVPWT
;
_entity_poly.pdbx_strand_id   A
#
loop_
_chem_comp.id
_chem_comp.type
_chem_comp.name
_chem_comp.formula
CL non-polymer 'CHLORIDE ION' 'Cl -1'
GOL non-polymer GLYCEROL 'C3 H8 O3'
SO4 non-polymer 'SULFATE ION' 'O4 S -2'
TNX D-saccharide 1,5-anhydro-2-deoxy-2-(ethanethioylamino)-D-arabino-hex-1-enitol 'C8 H13 N O4 S'
#
# COMPACT_ATOMS: atom_id res chain seq x y z
N ASP A 14 -30.21 12.55 8.71
CA ASP A 14 -29.26 13.64 8.46
C ASP A 14 -27.80 13.16 8.44
N ARG A 15 -27.60 11.87 8.15
CA ARG A 15 -26.25 11.31 8.20
C ARG A 15 -25.34 11.84 7.10
N LYS A 16 -25.88 12.55 6.12
CA LYS A 16 -25.08 13.15 5.05
C LYS A 16 -24.35 14.40 5.54
N ALA A 17 -25.01 15.22 6.37
CA ALA A 17 -24.39 16.38 7.02
C ALA A 17 -24.75 16.35 8.50
N PRO A 18 -23.84 15.88 9.37
CA PRO A 18 -24.15 15.83 10.80
C PRO A 18 -24.41 17.21 11.38
N VAL A 19 -25.33 17.25 12.34
CA VAL A 19 -25.50 18.44 13.16
C VAL A 19 -24.20 18.77 13.92
N ARG A 20 -23.49 17.74 14.41
CA ARG A 20 -22.33 17.83 15.30
C ARG A 20 -21.08 17.15 14.72
N PRO A 21 -19.89 17.60 15.11
CA PRO A 21 -18.66 17.15 14.44
C PRO A 21 -18.19 15.75 14.84
N THR A 22 -17.33 15.22 13.95
CA THR A 22 -16.67 13.95 14.18
C THR A 22 -15.89 13.99 15.47
N PRO A 23 -16.07 13.02 16.38
CA PRO A 23 -15.22 12.94 17.57
C PRO A 23 -13.74 12.90 17.22
N LEU A 24 -12.95 13.57 18.04
CA LEU A 24 -11.52 13.66 17.78
C LEU A 24 -10.84 12.29 17.74
N ASP A 25 -11.40 11.29 18.42
CA ASP A 25 -10.80 9.96 18.43
C ASP A 25 -11.28 9.08 17.29
N ARG A 26 -12.32 9.50 16.57
CA ARG A 26 -12.95 8.66 15.53
C ARG A 26 -12.16 8.79 14.22
N VAL A 27 -10.99 8.15 14.20
CA VAL A 27 -10.04 8.25 13.11
C VAL A 27 -9.47 6.87 12.86
N ILE A 28 -9.34 6.49 11.59
CA ILE A 28 -8.61 5.29 11.17
C ILE A 28 -7.36 5.70 10.39
N PRO A 29 -6.16 5.29 10.84
CA PRO A 29 -5.87 4.51 12.06
C PRO A 29 -6.17 5.25 13.33
N ALA A 30 -6.43 4.49 14.39
CA ALA A 30 -6.62 5.10 15.69
C ALA A 30 -5.34 5.84 16.05
N PRO A 31 -5.41 7.12 16.42
CA PRO A 31 -4.18 7.82 16.77
C PRO A 31 -3.59 7.30 18.07
N ALA A 32 -2.27 7.46 18.20
CA ALA A 32 -1.58 6.95 19.37
C ALA A 32 -2.06 7.63 20.64
N SER A 33 -2.59 8.86 20.53
CA SER A 33 -2.97 9.69 21.66
C SER A 33 -3.99 10.74 21.21
N VAL A 34 -5.11 10.80 21.91
CA VAL A 34 -6.23 11.67 21.57
C VAL A 34 -6.69 12.36 22.86
N ASP A 35 -6.68 13.68 22.85
CA ASP A 35 -6.98 14.50 24.02
C ASP A 35 -8.07 15.51 23.66
N PRO A 36 -9.31 15.07 23.57
CA PRO A 36 -10.37 16.01 23.22
C PRO A 36 -10.58 17.05 24.29
N GLY A 37 -10.95 18.25 23.85
CA GLY A 37 -11.15 19.36 24.76
C GLY A 37 -11.62 20.63 24.07
N GLY A 38 -12.57 21.29 24.68
CA GLY A 38 -12.89 22.61 24.24
C GLY A 38 -13.71 22.63 22.97
N ALA A 39 -13.81 23.83 22.40
CA ALA A 39 -14.65 24.02 21.24
C ALA A 39 -13.89 23.69 19.96
N PRO A 40 -14.61 23.39 18.89
CA PRO A 40 -13.95 23.08 17.63
C PRO A 40 -13.48 24.33 16.93
N TYR A 41 -12.56 24.12 16.00
CA TYR A 41 -12.31 25.08 14.95
C TYR A 41 -13.38 24.92 13.87
N ARG A 42 -13.72 26.04 13.23
CA ARG A 42 -14.62 26.04 12.09
C ARG A 42 -13.88 26.74 10.95
N ILE A 43 -13.77 26.05 9.80
CA ILE A 43 -13.21 26.68 8.61
C ILE A 43 -14.28 27.54 7.95
N THR A 44 -13.93 28.80 7.67
CA THR A 44 -14.81 29.75 7.02
C THR A 44 -14.14 30.29 5.76
N ARG A 45 -14.92 30.99 4.93
CA ARG A 45 -14.49 31.33 3.57
C ARG A 45 -13.16 32.05 3.52
N GLY A 46 -12.76 32.72 4.60
CA GLY A 46 -11.52 33.47 4.62
C GLY A 46 -10.33 32.73 5.16
N THR A 47 -10.48 31.46 5.54
CA THR A 47 -9.35 30.72 6.10
C THR A 47 -8.21 30.61 5.09
N HIS A 48 -7.00 30.85 5.59
CA HIS A 48 -5.75 30.65 4.87
C HIS A 48 -5.04 29.41 5.38
N ILE A 49 -4.37 28.71 4.47
CA ILE A 49 -3.45 27.64 4.83
C ILE A 49 -2.04 28.23 4.89
N ARG A 50 -1.50 28.30 6.09
CA ARG A 50 -0.20 28.89 6.31
C ARG A 50 0.85 27.80 6.44
N VAL A 51 1.91 27.89 5.65
CA VAL A 51 2.96 26.87 5.63
C VAL A 51 4.30 27.52 5.87
N ASP A 52 5.27 26.69 6.19
CA ASP A 52 6.65 27.15 6.25
C ASP A 52 7.11 27.58 4.86
N ASP A 53 8.22 28.28 4.80
CA ASP A 53 8.66 28.88 3.54
C ASP A 53 9.64 27.94 2.84
N SER A 54 9.12 26.78 2.42
CA SER A 54 9.86 25.79 1.66
C SER A 54 8.96 25.18 0.58
N ARG A 55 9.60 24.64 -0.48
CA ARG A 55 8.81 24.02 -1.55
C ARG A 55 8.07 22.80 -1.03
N GLU A 56 8.61 22.11 -0.03
CA GLU A 56 7.96 20.91 0.46
C GLU A 56 6.83 21.23 1.41
N ALA A 57 6.90 22.37 2.10
CA ALA A 57 5.79 22.72 2.98
C ALA A 57 4.63 23.23 2.14
N ARG A 58 4.92 24.01 1.10
CA ARG A 58 3.87 24.45 0.20
C ARG A 58 3.23 23.27 -0.51
N ARG A 59 4.02 22.23 -0.80
CA ARG A 59 3.49 21.07 -1.48
C ARG A 59 2.36 20.44 -0.66
N VAL A 60 2.58 20.27 0.65
CA VAL A 60 1.51 19.69 1.48
C VAL A 60 0.35 20.65 1.59
N GLY A 61 0.62 21.96 1.74
CA GLY A 61 -0.46 22.93 1.83
C GLY A 61 -1.35 22.91 0.58
N ASP A 62 -0.73 22.87 -0.60
CA ASP A 62 -1.48 22.80 -1.84
C ASP A 62 -2.27 21.52 -1.94
N TYR A 63 -1.69 20.41 -1.50
CA TYR A 63 -2.42 19.14 -1.42
C TYR A 63 -3.63 19.24 -0.48
N LEU A 64 -3.48 19.89 0.67
CA LEU A 64 -4.62 20.13 1.54
C LEU A 64 -5.63 21.05 0.86
N ALA A 65 -5.15 22.16 0.29
CA ALA A 65 -6.08 23.07 -0.36
C ALA A 65 -6.84 22.37 -1.48
N ASP A 66 -6.15 21.53 -2.25
CA ASP A 66 -6.81 20.82 -3.33
C ASP A 66 -7.91 19.90 -2.81
N LEU A 67 -7.68 19.21 -1.67
CA LEU A 67 -8.71 18.36 -1.10
C LEU A 67 -9.95 19.15 -0.68
N LEU A 68 -9.77 20.38 -0.17
CA LEU A 68 -10.90 21.06 0.47
C LEU A 68 -11.66 22.03 -0.43
N ARG A 69 -11.08 22.47 -1.55
CA ARG A 69 -11.65 23.59 -2.29
C ARG A 69 -12.99 23.20 -2.93
N PRO A 70 -13.09 22.10 -3.67
CA PRO A 70 -14.38 21.72 -4.26
C PRO A 70 -15.56 21.78 -3.30
N ALA A 71 -15.47 21.10 -2.16
CA ALA A 71 -16.65 20.97 -1.34
C ALA A 71 -16.91 22.20 -0.49
N THR A 72 -15.87 22.99 -0.21
CA THR A 72 -16.07 24.24 0.55
C THR A 72 -16.46 25.42 -0.35
N GLY A 73 -16.09 25.37 -1.64
CA GLY A 73 -16.03 26.53 -2.49
C GLY A 73 -15.09 27.64 -2.03
N TYR A 74 -14.24 27.38 -1.02
CA TYR A 74 -13.37 28.42 -0.46
C TYR A 74 -12.11 28.56 -1.28
N ARG A 75 -11.53 29.76 -1.24
CA ARG A 75 -10.29 30.01 -1.97
C ARG A 75 -9.11 29.27 -1.35
N LEU A 76 -9.02 29.28 -0.03
CA LEU A 76 -7.98 28.56 0.71
C LEU A 76 -6.58 28.81 0.14
N PRO A 77 -6.13 30.06 0.11
CA PRO A 77 -4.78 30.35 -0.37
C PRO A 77 -3.75 29.74 0.55
N VAL A 78 -2.62 29.36 -0.04
CA VAL A 78 -1.51 28.74 0.67
C VAL A 78 -0.36 29.73 0.68
N THR A 79 -0.02 30.25 1.86
CA THR A 79 1.06 31.24 1.95
C THR A 79 1.97 30.93 3.12
N ALA A 80 3.18 31.44 3.00
CA ALA A 80 4.20 31.38 4.03
C ALA A 80 4.28 32.67 4.85
N HIS A 81 3.24 33.49 4.84
CA HIS A 81 3.20 34.69 5.66
CA HIS A 81 3.20 34.67 5.69
C HIS A 81 1.85 34.74 6.39
N GLY A 82 1.85 35.34 7.57
CA GLY A 82 0.61 35.58 8.29
C GLY A 82 0.33 34.50 9.30
N HIS A 83 -0.89 34.54 9.84
CA HIS A 83 -1.31 33.64 10.90
C HIS A 83 -2.50 32.79 10.47
N GLY A 84 -2.32 31.95 9.45
CA GLY A 84 -3.42 31.16 8.92
C GLY A 84 -4.22 30.38 9.94
N GLY A 85 -5.54 30.32 9.74
CA GLY A 85 -6.41 29.50 10.53
C GLY A 85 -6.10 28.02 10.45
N ILE A 86 -5.45 27.59 9.38
CA ILE A 86 -4.87 26.26 9.28
C ILE A 86 -3.37 26.41 9.09
N ARG A 87 -2.60 25.87 10.04
CA ARG A 87 -1.16 26.06 10.03
C ARG A 87 -0.49 24.69 9.98
N LEU A 88 0.37 24.50 8.98
CA LEU A 88 1.23 23.33 8.89
C LEU A 88 2.65 23.80 9.18
N ARG A 89 3.23 23.36 10.30
CA ARG A 89 4.59 23.81 10.62
C ARG A 89 5.54 22.67 10.90
N LEU A 90 6.76 22.84 10.39
CA LEU A 90 7.86 21.95 10.69
C LEU A 90 8.64 22.48 11.88
N ALA A 91 8.90 21.61 12.83
CA ALA A 91 9.45 21.97 14.11
C ALA A 91 10.13 20.75 14.70
N GLY A 92 11.05 20.98 15.63
CA GLY A 92 11.52 19.89 16.45
C GLY A 92 10.38 19.25 17.21
N GLY A 93 10.60 18.02 17.64
CA GLY A 93 9.57 17.31 18.35
C GLY A 93 9.80 15.82 18.38
N PRO A 94 9.02 15.12 19.18
CA PRO A 94 9.16 13.66 19.35
C PRO A 94 8.28 12.87 18.37
N TYR A 95 8.38 13.18 17.10
CA TYR A 95 7.39 12.75 16.13
C TYR A 95 7.96 11.87 15.04
N GLY A 96 9.27 11.67 15.01
CA GLY A 96 9.95 10.87 14.04
C GLY A 96 9.75 11.39 12.64
N ASP A 97 10.04 10.51 11.70
CA ASP A 97 9.91 10.88 10.30
C ASP A 97 8.48 10.99 9.87
N GLU A 98 7.52 10.50 10.65
CA GLU A 98 6.17 10.29 10.15
C GLU A 98 5.09 10.75 11.10
N GLY A 99 5.42 11.02 12.37
CA GLY A 99 4.44 11.46 13.33
C GLY A 99 4.16 12.94 13.20
N TYR A 100 3.18 13.39 13.99
CA TYR A 100 2.68 14.76 13.91
C TYR A 100 1.88 15.02 15.16
N ARG A 101 1.68 16.30 15.46
CA ARG A 101 0.71 16.77 16.44
CA ARG A 101 0.72 16.76 16.44
C ARG A 101 -0.34 17.57 15.72
N LEU A 102 -1.61 17.36 16.09
CA LEU A 102 -2.71 18.17 15.58
C LEU A 102 -3.36 18.85 16.78
N ASP A 103 -3.35 20.17 16.79
CA ASP A 103 -4.11 20.97 17.75
C ASP A 103 -5.26 21.65 17.05
N SER A 104 -6.40 21.64 17.70
CA SER A 104 -7.60 22.22 17.11
C SER A 104 -8.37 22.99 18.18
N GLY A 105 -8.84 24.17 17.81
CA GLY A 105 -9.75 24.95 18.59
C GLY A 105 -10.12 26.23 17.85
N PRO A 106 -10.85 27.13 18.51
CA PRO A 106 -11.34 28.32 17.79
C PRO A 106 -10.23 29.20 17.30
N ALA A 107 -9.07 29.12 17.92
CA ALA A 107 -7.92 29.89 17.50
C ALA A 107 -7.25 29.32 16.25
N GLY A 108 -7.60 28.12 15.82
CA GLY A 108 -7.09 27.57 14.57
C GLY A 108 -6.80 26.09 14.66
N VAL A 109 -6.49 25.46 13.52
CA VAL A 109 -5.93 24.10 13.51
C VAL A 109 -4.46 24.20 13.14
N THR A 110 -3.60 23.62 13.96
CA THR A 110 -2.18 23.60 13.68
C THR A 110 -1.73 22.14 13.62
N ILE A 111 -0.98 21.80 12.58
CA ILE A 111 -0.38 20.49 12.44
C ILE A 111 1.13 20.67 12.44
N THR A 112 1.79 20.01 13.40
CA THR A 112 3.22 20.16 13.60
C THR A 112 3.90 18.83 13.38
N ALA A 113 5.05 18.86 12.70
CA ALA A 113 5.76 17.62 12.44
C ALA A 113 7.22 17.92 12.23
N ARG A 114 8.07 16.89 12.32
CA ARG A 114 9.46 17.07 11.92
C ARG A 114 9.61 17.11 10.41
N LYS A 115 8.93 16.25 9.67
CA LYS A 115 9.15 16.15 8.23
C LYS A 115 7.81 16.28 7.50
N ALA A 116 7.87 16.58 6.20
CA ALA A 116 6.66 16.75 5.40
C ALA A 116 5.72 15.54 5.50
N ALA A 117 6.28 14.32 5.53
CA ALA A 117 5.45 13.13 5.64
C ALA A 117 4.55 13.20 6.86
N GLY A 118 5.04 13.81 7.95
CA GLY A 118 4.25 13.99 9.16
C GLY A 118 3.11 14.97 8.98
N LEU A 119 3.39 16.12 8.38
CA LEU A 119 2.29 17.02 8.00
C LEU A 119 1.28 16.31 7.10
N PHE A 120 1.75 15.55 6.12
CA PHE A 120 0.84 14.85 5.20
C PHE A 120 -0.03 13.84 5.95
N HIS A 121 0.56 13.11 6.90
CA HIS A 121 -0.24 12.20 7.69
C HIS A 121 -1.25 12.95 8.54
N GLY A 122 -0.85 14.11 9.06
CA GLY A 122 -1.80 14.95 9.80
C GLY A 122 -2.94 15.44 8.92
N VAL A 123 -2.63 15.76 7.67
CA VAL A 123 -3.70 16.08 6.74
C VAL A 123 -4.70 14.92 6.64
N GLN A 124 -4.20 13.68 6.66
CA GLN A 124 -5.10 12.53 6.49
C GLN A 124 -6.00 12.37 7.70
N THR A 125 -5.54 12.79 8.87
CA THR A 125 -6.44 12.80 10.03
C THR A 125 -7.46 13.94 9.92
N LEU A 126 -7.00 15.11 9.51
CA LEU A 126 -7.88 16.25 9.38
C LEU A 126 -9.06 15.97 8.43
N ARG A 127 -8.82 15.26 7.33
CA ARG A 127 -9.93 15.04 6.40
C ARG A 127 -10.99 14.10 6.95
N GLN A 128 -10.73 13.38 8.04
CA GLN A 128 -11.78 12.57 8.66
C GLN A 128 -12.46 13.31 9.82
N LEU A 129 -11.77 14.28 10.43
CA LEU A 129 -12.40 15.16 11.40
C LEU A 129 -13.45 16.02 10.75
N LEU A 130 -13.23 16.42 9.50
CA LEU A 130 -14.24 17.15 8.75
C LEU A 130 -15.40 16.22 8.37
N PRO A 131 -16.57 16.79 8.06
CA PRO A 131 -17.75 15.96 7.81
C PRO A 131 -17.72 15.29 6.45
N PRO A 132 -18.63 14.34 6.19
CA PRO A 132 -18.58 13.60 4.92
C PRO A 132 -18.71 14.48 3.69
N ALA A 133 -19.43 15.59 3.82
CA ALA A 133 -19.61 16.54 2.73
C ALA A 133 -18.28 17.00 2.11
N VAL A 134 -17.17 16.81 2.82
CA VAL A 134 -15.87 17.21 2.28
C VAL A 134 -15.47 16.40 1.06
N GLU A 135 -16.10 15.23 0.83
CA GLU A 135 -15.79 14.41 -0.33
C GLU A 135 -16.48 14.88 -1.61
N LYS A 136 -17.42 15.80 -1.53
CA LYS A 136 -18.21 16.18 -2.71
C LYS A 136 -17.42 17.12 -3.63
N ASP A 137 -17.75 17.09 -4.93
CA ASP A 137 -17.04 17.89 -5.91
C ASP A 137 -17.73 19.23 -6.22
N SER A 138 -18.66 19.66 -5.36
CA SER A 138 -19.42 20.90 -5.52
C SER A 138 -19.66 21.43 -4.12
N ALA A 139 -19.98 22.71 -4.00
CA ALA A 139 -19.88 23.32 -2.69
C ALA A 139 -21.08 22.95 -1.81
N GLN A 140 -20.84 22.90 -0.50
CA GLN A 140 -21.76 22.34 0.48
C GLN A 140 -21.85 23.21 1.72
N PRO A 141 -22.99 23.19 2.40
CA PRO A 141 -23.09 23.90 3.70
C PRO A 141 -21.98 23.62 4.70
N GLY A 142 -21.39 22.44 4.68
CA GLY A 142 -20.59 22.03 5.81
C GLY A 142 -21.54 21.65 6.94
N PRO A 143 -21.41 22.28 8.13
CA PRO A 143 -20.36 23.21 8.52
C PRO A 143 -18.96 22.54 8.65
N TRP A 144 -17.88 23.28 8.43
CA TRP A 144 -16.56 22.67 8.30
C TRP A 144 -15.88 22.65 9.67
N LEU A 145 -16.41 21.78 10.53
CA LEU A 145 -15.95 21.67 11.89
C LEU A 145 -14.89 20.59 12.05
N VAL A 146 -13.97 20.87 12.96
CA VAL A 146 -12.86 20.03 13.37
C VAL A 146 -12.88 20.00 14.91
N ALA A 147 -13.17 18.85 15.51
CA ALA A 147 -13.29 18.77 16.96
C ALA A 147 -12.07 19.37 17.64
N GLY A 148 -12.30 19.91 18.84
CA GLY A 148 -11.22 20.53 19.59
C GLY A 148 -10.45 19.52 20.43
N GLY A 149 -9.17 19.74 20.52
CA GLY A 149 -8.33 18.96 21.39
C GLY A 149 -6.94 18.88 20.80
N THR A 150 -6.19 17.84 21.22
CA THR A 150 -4.88 17.54 20.67
C THR A 150 -4.74 16.05 20.39
N ILE A 151 -4.23 15.75 19.20
CA ILE A 151 -3.84 14.41 18.81
C ILE A 151 -2.32 14.41 18.70
N GLU A 152 -1.69 13.43 19.30
CA GLU A 152 -0.26 13.20 19.13
C GLU A 152 -0.10 11.80 18.62
N ASP A 153 0.51 11.65 17.45
CA ASP A 153 0.35 10.46 16.65
C ASP A 153 1.67 10.03 16.03
N THR A 154 2.05 8.78 16.27
CA THR A 154 3.24 8.19 15.66
C THR A 154 2.93 6.76 15.23
N PRO A 155 3.61 6.25 14.19
CA PRO A 155 3.35 4.87 13.71
C PRO A 155 4.06 3.79 14.53
N ARG A 156 3.35 2.69 14.77
CA ARG A 156 3.94 1.50 15.39
C ARG A 156 4.94 0.79 14.48
N TYR A 157 4.69 0.73 13.18
CA TYR A 157 5.56 -0.04 12.29
C TYR A 157 5.95 0.85 11.12
N ALA A 158 7.19 0.73 10.65
CA ALA A 158 7.61 1.55 9.53
C ALA A 158 7.30 0.94 8.18
N TRP A 159 6.91 -0.35 8.11
CA TRP A 159 6.51 -0.96 6.84
C TRP A 159 4.98 -1.08 6.82
N ARG A 160 4.33 -0.21 6.05
CA ARG A 160 2.87 -0.21 5.98
C ARG A 160 2.52 -0.06 4.50
N SER A 161 2.31 -1.19 3.82
CA SER A 161 2.29 -1.20 2.37
C SER A 161 1.03 -1.85 1.85
N ALA A 162 0.73 -1.48 0.63
CA ALA A 162 -0.38 -1.99 -0.14
C ALA A 162 0.19 -2.41 -1.47
N MET A 163 -0.24 -3.55 -1.96
CA MET A 163 0.26 -4.06 -3.23
C MET A 163 -0.88 -3.98 -4.22
N LEU A 164 -0.54 -3.63 -5.46
CA LEU A 164 -1.45 -3.82 -6.58
C LEU A 164 -0.80 -4.74 -7.59
N ASP A 165 -1.57 -5.73 -8.04
CA ASP A 165 -1.16 -6.66 -9.08
C ASP A 165 -1.61 -6.05 -10.41
N VAL A 166 -0.65 -5.66 -11.24
CA VAL A 166 -0.95 -5.10 -12.56
C VAL A 166 -0.58 -6.10 -13.64
N SER A 167 -0.14 -7.30 -13.25
CA SER A 167 0.22 -8.32 -14.22
C SER A 167 -1.01 -9.08 -14.67
N ARG A 168 -1.91 -9.41 -13.74
CA ARG A 168 -3.03 -10.29 -14.08
C ARG A 168 -4.06 -9.57 -14.92
N HIS A 169 -4.54 -8.42 -14.44
CA HIS A 169 -5.15 -7.42 -15.31
C HIS A 169 -4.34 -6.13 -15.19
N PHE A 170 -4.08 -5.50 -16.33
CA PHE A 170 -3.32 -4.26 -16.37
C PHE A 170 -4.18 -3.08 -15.99
N PHE A 171 -3.59 -2.15 -15.26
CA PHE A 171 -4.20 -0.88 -14.91
C PHE A 171 -3.23 0.23 -15.27
N GLY A 172 -3.71 1.21 -16.02
CA GLY A 172 -2.89 2.31 -16.48
C GLY A 172 -2.55 3.29 -15.39
N VAL A 173 -1.75 4.28 -15.79
CA VAL A 173 -1.23 5.29 -14.85
C VAL A 173 -2.38 5.92 -14.08
N ASP A 174 -3.43 6.35 -14.79
CA ASP A 174 -4.48 7.07 -14.08
C ASP A 174 -5.21 6.17 -13.10
N GLU A 175 -5.33 4.87 -13.40
CA GLU A 175 -5.99 3.97 -12.49
C GLU A 175 -5.10 3.66 -11.30
N VAL A 176 -3.79 3.64 -11.50
CA VAL A 176 -2.88 3.46 -10.36
C VAL A 176 -2.93 4.70 -9.47
N LYS A 177 -3.02 5.88 -10.08
CA LYS A 177 -3.10 7.12 -9.29
C LYS A 177 -4.37 7.14 -8.47
N ARG A 178 -5.46 6.63 -9.02
CA ARG A 178 -6.68 6.50 -8.23
C ARG A 178 -6.43 5.59 -7.03
N TYR A 179 -5.85 4.40 -7.27
CA TYR A 179 -5.62 3.48 -6.17
C TYR A 179 -4.63 4.05 -5.16
N ILE A 180 -3.58 4.73 -5.65
CA ILE A 180 -2.67 5.45 -4.76
C ILE A 180 -3.44 6.36 -3.82
N ASP A 181 -4.47 7.04 -4.32
CA ASP A 181 -5.17 8.01 -3.49
C ASP A 181 -6.06 7.31 -2.48
N ARG A 182 -6.56 6.12 -2.83
CA ARG A 182 -7.33 5.35 -1.86
C ARG A 182 -6.45 4.97 -0.66
N VAL A 183 -5.24 4.49 -0.92
CA VAL A 183 -4.41 4.06 0.21
C VAL A 183 -3.84 5.26 0.98
N ALA A 184 -3.55 6.39 0.32
CA ALA A 184 -2.96 7.53 1.03
C ALA A 184 -3.85 7.96 2.18
N ARG A 185 -5.15 7.74 2.05
CA ARG A 185 -6.13 8.09 3.08
C ARG A 185 -5.75 7.52 4.45
N TYR A 186 -5.07 6.37 4.49
CA TYR A 186 -4.94 5.61 5.73
C TYR A 186 -3.50 5.48 6.20
N LYS A 187 -2.57 6.28 5.66
CA LYS A 187 -1.20 6.44 6.15
C LYS A 187 -0.30 5.27 5.80
N TYR A 188 -0.66 4.50 4.79
CA TYR A 188 0.29 3.62 4.17
C TYR A 188 1.47 4.45 3.70
N ASN A 189 2.68 3.87 3.73
CA ASN A 189 3.85 4.58 3.27
C ASN A 189 4.63 3.83 2.20
N LYS A 190 4.17 2.65 1.77
CA LYS A 190 4.85 1.93 0.70
C LYS A 190 3.80 1.36 -0.25
N LEU A 191 4.13 1.36 -1.54
CA LEU A 191 3.26 0.87 -2.61
C LEU A 191 4.04 -0.17 -3.40
N HIS A 192 3.67 -1.42 -3.18
CA HIS A 192 4.28 -2.56 -3.78
C HIS A 192 3.54 -2.81 -5.09
N LEU A 193 4.27 -2.82 -6.21
CA LEU A 193 3.68 -3.04 -7.52
C LEU A 193 4.18 -4.38 -8.05
N HIS A 194 3.25 -5.28 -8.35
CA HIS A 194 3.54 -6.61 -8.91
C HIS A 194 3.58 -6.43 -10.43
N LEU A 195 4.80 -6.14 -10.93
CA LEU A 195 5.00 -5.70 -12.31
C LEU A 195 5.17 -6.82 -13.33
N SER A 196 5.34 -8.06 -12.90
CA SER A 196 5.45 -9.15 -13.85
C SER A 196 4.86 -10.41 -13.26
N ASP A 197 4.32 -11.26 -14.13
CA ASP A 197 3.85 -12.56 -13.71
C ASP A 197 3.69 -13.42 -14.96
N ASP A 198 2.88 -14.48 -14.87
CA ASP A 198 2.74 -15.38 -16.01
C ASP A 198 1.94 -14.77 -17.13
N GLN A 199 1.02 -13.85 -16.82
CA GLN A 199 0.10 -13.26 -17.79
C GLN A 199 0.56 -11.90 -18.28
N GLY A 200 1.66 -11.37 -17.77
CA GLY A 200 2.03 -10.05 -18.16
C GLY A 200 3.37 -9.57 -17.65
N TRP A 201 4.03 -8.80 -18.50
CA TRP A 201 5.25 -8.08 -18.17
C TRP A 201 4.95 -6.61 -18.43
N ARG A 202 5.03 -5.78 -17.38
CA ARG A 202 4.42 -4.45 -17.42
C ARG A 202 5.39 -3.29 -17.33
N ILE A 203 6.70 -3.50 -17.48
CA ILE A 203 7.64 -2.40 -17.40
C ILE A 203 8.61 -2.52 -18.58
N ALA A 204 8.80 -1.43 -19.29
CA ALA A 204 9.70 -1.45 -20.45
C ALA A 204 11.14 -1.60 -19.98
N ILE A 205 11.84 -2.56 -20.56
CA ILE A 205 13.25 -2.79 -20.26
C ILE A 205 13.98 -2.59 -21.58
N ASP A 206 14.89 -1.60 -21.62
CA ASP A 206 15.52 -1.24 -22.89
C ASP A 206 16.41 -2.37 -23.39
N SER A 207 17.17 -3.01 -22.50
CA SER A 207 18.00 -4.13 -22.94
C SER A 207 17.19 -5.33 -23.43
N TRP A 208 15.91 -5.45 -23.07
CA TRP A 208 15.10 -6.62 -23.44
C TRP A 208 13.71 -6.15 -23.87
N PRO A 209 13.61 -5.53 -25.04
CA PRO A 209 12.38 -4.80 -25.39
C PRO A 209 11.17 -5.66 -25.62
N ARG A 210 11.32 -6.94 -26.02
CA ARG A 210 10.14 -7.76 -26.22
C ARG A 210 9.39 -8.06 -24.93
N LEU A 211 10.06 -8.00 -23.77
CA LEU A 211 9.35 -8.24 -22.50
C LEU A 211 8.08 -7.41 -22.42
N ALA A 212 8.19 -6.08 -22.66
CA ALA A 212 7.00 -5.26 -22.66
C ALA A 212 6.17 -5.41 -23.95
N THR A 213 6.80 -5.29 -25.13
CA THR A 213 6.02 -5.22 -26.36
C THR A 213 5.35 -6.55 -26.68
N TYR A 214 5.97 -7.68 -26.32
CA TYR A 214 5.35 -8.98 -26.51
C TYR A 214 4.74 -9.52 -25.21
N GLY A 215 5.57 -9.63 -24.15
CA GLY A 215 5.11 -10.15 -22.88
C GLY A 215 4.02 -9.31 -22.25
N GLY A 216 3.90 -8.03 -22.63
CA GLY A 216 2.86 -7.18 -22.12
C GLY A 216 1.60 -7.11 -22.95
N SER A 217 1.56 -7.91 -24.02
CA SER A 217 0.55 -7.74 -25.06
C SER A 217 -0.79 -8.36 -24.71
N THR A 218 -0.92 -9.11 -23.62
CA THR A 218 -2.25 -9.56 -23.18
C THR A 218 -2.34 -9.58 -21.65
N GLU A 219 -3.38 -10.23 -21.12
CA GLU A 219 -3.61 -10.32 -19.68
C GLU A 219 -4.52 -11.54 -19.40
N VAL A 220 -4.94 -11.69 -18.14
CA VAL A 220 -5.90 -12.73 -17.84
C VAL A 220 -7.10 -12.55 -18.74
N GLY A 221 -7.51 -13.64 -19.39
CA GLY A 221 -8.67 -13.64 -20.27
C GLY A 221 -8.42 -13.14 -21.67
N GLY A 222 -7.19 -12.78 -22.00
CA GLY A 222 -6.87 -12.40 -23.36
C GLY A 222 -7.31 -11.02 -23.73
N GLY A 223 -7.05 -10.71 -24.99
CA GLY A 223 -7.25 -9.37 -25.47
C GLY A 223 -6.11 -8.48 -25.05
N PRO A 224 -6.28 -7.17 -25.21
CA PRO A 224 -5.18 -6.23 -24.95
C PRO A 224 -4.72 -6.30 -23.51
N GLY A 225 -3.41 -6.18 -23.33
CA GLY A 225 -2.80 -6.07 -22.03
C GLY A 225 -2.36 -4.65 -21.75
N GLY A 226 -1.06 -4.44 -21.73
CA GLY A 226 -0.50 -3.11 -21.58
C GLY A 226 0.78 -3.17 -20.78
N TYR A 227 1.44 -2.02 -20.69
CA TYR A 227 2.68 -1.87 -19.94
C TYR A 227 2.98 -0.39 -19.79
N TYR A 228 3.92 -0.10 -18.90
CA TYR A 228 4.38 1.25 -18.62
C TYR A 228 5.66 1.48 -19.39
N THR A 229 5.65 2.47 -20.27
CA THR A 229 6.89 3.08 -20.71
C THR A 229 7.66 3.59 -19.49
N LYS A 230 8.95 3.84 -19.68
CA LYS A 230 9.75 4.42 -18.60
C LYS A 230 9.09 5.70 -18.10
N ALA A 231 8.57 6.53 -19.00
CA ALA A 231 8.00 7.80 -18.59
C ALA A 231 6.74 7.59 -17.75
N GLU A 232 5.85 6.70 -18.21
CA GLU A 232 4.68 6.34 -17.42
C GLU A 232 5.09 5.86 -16.03
N TYR A 233 6.09 4.96 -15.94
CA TYR A 233 6.49 4.44 -14.63
C TYR A 233 7.09 5.52 -13.74
N LYS A 234 7.90 6.42 -14.32
CA LYS A 234 8.43 7.55 -13.53
C LYS A 234 7.31 8.45 -13.03
N GLU A 235 6.26 8.61 -13.82
CA GLU A 235 5.14 9.42 -13.38
C GLU A 235 4.37 8.74 -12.24
N ILE A 236 4.21 7.41 -12.30
CA ILE A 236 3.66 6.69 -11.15
C ILE A 236 4.54 6.91 -9.92
N VAL A 237 5.85 6.74 -10.06
CA VAL A 237 6.73 6.90 -8.90
C VAL A 237 6.62 8.32 -8.36
N ARG A 238 6.68 9.32 -9.24
CA ARG A 238 6.50 10.72 -8.84
C ARG A 238 5.18 10.92 -8.11
N TYR A 239 4.08 10.45 -8.71
CA TYR A 239 2.79 10.65 -8.08
C TYR A 239 2.74 10.00 -6.71
N ALA A 240 3.16 8.73 -6.62
CA ALA A 240 3.19 8.04 -5.34
C ALA A 240 3.98 8.85 -4.32
N ALA A 241 5.13 9.39 -4.74
CA ALA A 241 6.00 10.09 -3.81
C ALA A 241 5.32 11.33 -3.27
N SER A 242 4.54 12.02 -4.10
CA SER A 242 3.84 13.20 -3.63
C SER A 242 2.71 12.85 -2.66
N ARG A 243 2.28 11.60 -2.65
CA ARG A 243 1.43 11.08 -1.58
C ARG A 243 2.23 10.32 -0.52
N HIS A 244 3.55 10.50 -0.50
CA HIS A 244 4.46 9.87 0.46
C HIS A 244 4.31 8.35 0.50
N LEU A 245 4.23 7.76 -0.70
CA LEU A 245 4.35 6.31 -0.89
C LEU A 245 5.69 5.99 -1.52
N GLU A 246 6.50 5.20 -0.82
CA GLU A 246 7.71 4.67 -1.44
C GLU A 246 7.34 3.49 -2.34
N VAL A 247 7.64 3.56 -3.63
CA VAL A 247 7.25 2.49 -4.53
C VAL A 247 8.24 1.34 -4.42
N VAL A 248 7.72 0.13 -4.17
CA VAL A 248 8.50 -1.11 -4.09
C VAL A 248 8.12 -1.95 -5.31
N PRO A 249 8.95 -1.99 -6.35
CA PRO A 249 8.61 -2.78 -7.53
C PRO A 249 8.99 -4.25 -7.33
N GLU A 250 8.24 -5.14 -7.97
CA GLU A 250 8.50 -6.58 -7.91
C GLU A 250 8.68 -7.13 -9.31
N ILE A 251 9.79 -7.80 -9.55
CA ILE A 251 9.93 -8.66 -10.73
C ILE A 251 10.01 -10.08 -10.19
N ASP A 252 8.88 -10.79 -10.21
CA ASP A 252 8.84 -12.10 -9.58
C ASP A 252 9.77 -13.07 -10.30
N MET A 253 10.62 -13.72 -9.52
CA MET A 253 11.52 -14.73 -10.06
C MET A 253 11.91 -15.80 -9.00
N PRO A 254 12.24 -17.04 -9.41
CA PRO A 254 12.38 -17.53 -10.78
C PRO A 254 11.08 -18.09 -11.30
N GLY A 255 10.03 -18.13 -10.47
CA GLY A 255 8.71 -18.53 -10.90
C GLY A 255 7.85 -17.33 -11.25
N HIS A 256 6.61 -17.61 -11.66
CA HIS A 256 5.71 -16.56 -12.15
C HIS A 256 6.37 -15.75 -13.27
N THR A 257 7.06 -16.43 -14.18
CA THR A 257 7.94 -15.80 -15.15
C THR A 257 7.51 -16.05 -16.58
N ASN A 258 6.30 -16.58 -16.83
CA ASN A 258 5.94 -16.95 -18.20
C ASN A 258 5.98 -15.78 -19.18
N ALA A 259 5.52 -14.59 -18.79
CA ALA A 259 5.50 -13.51 -19.78
C ALA A 259 6.90 -13.25 -20.31
N ALA A 260 7.90 -13.37 -19.45
CA ALA A 260 9.26 -13.18 -19.91
C ALA A 260 9.72 -14.35 -20.76
N LEU A 261 9.37 -15.57 -20.32
CA LEU A 261 9.75 -16.78 -21.04
C LEU A 261 9.12 -16.81 -22.43
N ALA A 262 7.86 -16.38 -22.56
CA ALA A 262 7.20 -16.31 -23.85
C ALA A 262 7.84 -15.28 -24.76
N SER A 263 8.53 -14.32 -24.19
CA SER A 263 9.08 -13.20 -24.91
C SER A 263 10.45 -13.49 -25.50
N TYR A 264 11.25 -14.32 -24.83
CA TYR A 264 12.58 -14.70 -25.32
C TYR A 264 12.75 -16.22 -25.20
N ALA A 265 12.61 -16.90 -26.34
CA ALA A 265 12.92 -18.31 -26.46
C ALA A 265 14.22 -18.71 -25.75
N GLU A 266 15.26 -17.88 -25.85
CA GLU A 266 16.55 -18.28 -25.30
C GLU A 266 16.58 -18.34 -23.78
N LEU A 267 15.52 -17.90 -23.10
CA LEU A 267 15.49 -17.98 -21.64
C LEU A 267 14.96 -19.33 -21.16
N ASN A 268 14.35 -20.09 -22.05
CA ASN A 268 13.76 -21.36 -21.69
C ASN A 268 14.83 -22.43 -21.73
N CYS A 269 14.78 -23.37 -20.78
CA CYS A 269 15.81 -24.40 -20.75
C CYS A 269 15.86 -25.18 -22.06
N ASP A 270 14.71 -25.46 -22.67
CA ASP A 270 14.68 -26.13 -23.97
C ASP A 270 14.77 -25.16 -25.18
N GLY A 271 15.05 -23.88 -24.96
CA GLY A 271 15.18 -22.92 -26.05
C GLY A 271 13.93 -22.64 -26.89
N VAL A 272 12.78 -23.09 -26.43
CA VAL A 272 11.50 -22.90 -27.11
C VAL A 272 10.62 -21.98 -26.25
N ALA A 273 10.11 -20.92 -26.86
CA ALA A 273 9.34 -19.97 -26.08
C ALA A 273 7.91 -20.50 -25.89
N PRO A 274 7.40 -20.56 -24.66
CA PRO A 274 6.00 -20.98 -24.46
C PRO A 274 5.03 -19.93 -24.99
N PRO A 275 3.76 -20.26 -25.12
CA PRO A 275 2.77 -19.27 -25.53
C PRO A 275 2.50 -18.28 -24.41
N LEU A 276 1.84 -17.18 -24.78
CA LEU A 276 1.38 -16.23 -23.78
C LEU A 276 0.26 -16.86 -22.95
N TYR A 277 0.30 -16.62 -21.65
CA TYR A 277 -0.63 -17.25 -20.73
C TYR A 277 -1.75 -16.29 -20.37
N THR A 278 -2.99 -16.71 -20.60
CA THR A 278 -4.15 -15.92 -20.26
C THR A 278 -5.01 -16.58 -19.19
N GLY A 279 -4.54 -17.67 -18.56
CA GLY A 279 -5.26 -18.35 -17.51
C GLY A 279 -5.04 -17.73 -16.14
N THR A 280 -5.54 -18.43 -15.11
CA THR A 280 -5.50 -17.93 -13.75
C THR A 280 -4.95 -18.95 -12.77
N LYS A 281 -4.05 -19.79 -13.21
CA LYS A 281 -3.40 -20.78 -12.34
C LYS A 281 -1.96 -20.37 -12.15
N VAL A 282 -1.27 -21.11 -11.29
CA VAL A 282 0.07 -20.73 -10.83
C VAL A 282 0.95 -21.98 -10.80
N GLY A 283 2.26 -21.75 -10.83
CA GLY A 283 3.22 -22.75 -10.46
C GLY A 283 3.97 -23.41 -11.59
N PHE A 284 3.60 -23.17 -12.85
CA PHE A 284 4.08 -23.98 -13.97
C PHE A 284 5.31 -23.42 -14.68
N SER A 285 5.72 -22.19 -14.39
CA SER A 285 6.79 -21.53 -15.10
C SER A 285 8.04 -21.45 -14.25
N SER A 286 9.21 -21.45 -14.91
CA SER A 286 10.49 -21.28 -14.22
C SER A 286 11.53 -20.74 -15.20
N LEU A 287 12.32 -19.76 -14.74
CA LEU A 287 13.57 -19.39 -15.39
C LEU A 287 14.51 -20.58 -15.40
N CYS A 288 15.49 -20.53 -16.31
CA CYS A 288 16.44 -21.62 -16.49
C CYS A 288 17.67 -21.36 -15.64
N VAL A 289 17.73 -22.01 -14.48
CA VAL A 289 18.85 -21.86 -13.54
C VAL A 289 20.17 -22.30 -14.15
N ASP A 290 20.14 -23.25 -15.09
CA ASP A 290 21.35 -23.82 -15.68
C ASP A 290 21.98 -22.98 -16.79
N LYS A 291 21.38 -21.87 -17.21
CA LYS A 291 21.88 -21.11 -18.35
C LYS A 291 22.47 -19.77 -17.93
N ASP A 292 23.60 -19.43 -18.52
CA ASP A 292 24.27 -18.19 -18.16
C ASP A 292 23.44 -16.96 -18.53
N VAL A 293 22.65 -17.03 -19.59
CA VAL A 293 21.90 -15.85 -20.04
C VAL A 293 20.87 -15.47 -19.01
N THR A 294 20.37 -16.45 -18.25
CA THR A 294 19.36 -16.17 -17.26
C THR A 294 19.81 -15.07 -16.33
N TYR A 295 21.08 -15.12 -15.93
CA TYR A 295 21.64 -14.18 -14.97
C TYR A 295 22.05 -12.89 -15.67
N ASP A 296 22.42 -12.95 -16.96
CA ASP A 296 22.56 -11.73 -17.74
C ASP A 296 21.22 -10.99 -17.77
N PHE A 297 20.17 -11.75 -18.06
CA PHE A 297 18.82 -11.20 -18.11
C PHE A 297 18.42 -10.60 -16.76
N VAL A 298 18.63 -11.35 -15.68
CA VAL A 298 18.29 -10.83 -14.37
C VAL A 298 19.08 -9.57 -14.08
N ASP A 299 20.37 -9.56 -14.45
CA ASP A 299 21.19 -8.42 -14.08
C ASP A 299 20.76 -7.17 -14.84
N ASP A 300 20.46 -7.30 -16.14
CA ASP A 300 19.97 -6.17 -16.92
C ASP A 300 18.67 -5.63 -16.35
N VAL A 301 17.73 -6.55 -16.05
CA VAL A 301 16.40 -6.14 -15.63
C VAL A 301 16.46 -5.40 -14.30
N ILE A 302 17.11 -6.00 -13.32
CA ILE A 302 17.28 -5.37 -12.02
C ILE A 302 18.03 -4.06 -12.16
N GLY A 303 19.09 -4.04 -12.98
CA GLY A 303 19.80 -2.79 -13.22
C GLY A 303 18.86 -1.70 -13.70
N GLU A 304 18.10 -1.98 -14.76
CA GLU A 304 17.21 -0.96 -15.29
C GLU A 304 16.13 -0.59 -14.27
N LEU A 305 15.62 -1.56 -13.53
CA LEU A 305 14.57 -1.26 -12.58
C LEU A 305 15.12 -0.48 -11.39
N ALA A 306 16.31 -0.85 -10.91
CA ALA A 306 16.98 -0.07 -9.89
C ALA A 306 17.08 1.40 -10.29
N ALA A 307 17.48 1.67 -11.53
CA ALA A 307 17.64 3.04 -11.99
C ALA A 307 16.32 3.82 -11.91
N LEU A 308 15.20 3.16 -12.21
CA LEU A 308 13.86 3.76 -12.12
C LEU A 308 13.36 3.85 -10.70
N THR A 309 14.06 3.28 -9.74
CA THR A 309 13.52 3.11 -8.41
C THR A 309 14.26 3.96 -7.40
N PRO A 310 13.70 5.08 -6.95
CA PRO A 310 14.38 5.88 -5.92
C PRO A 310 14.18 5.35 -4.52
N GLY A 311 13.20 4.50 -4.29
CA GLY A 311 13.05 3.90 -2.98
C GLY A 311 14.19 2.94 -2.70
N ARG A 312 14.18 2.42 -1.48
CA ARG A 312 15.28 1.60 -1.01
C ARG A 312 15.20 0.13 -1.42
N TYR A 313 14.05 -0.36 -1.88
CA TYR A 313 13.83 -1.80 -1.97
C TYR A 313 13.44 -2.22 -3.38
N LEU A 314 13.93 -3.42 -3.78
CA LEU A 314 13.46 -4.16 -4.94
C LEU A 314 12.97 -5.52 -4.48
N HIS A 315 11.78 -5.89 -4.92
CA HIS A 315 11.14 -7.14 -4.60
C HIS A 315 11.43 -8.12 -5.73
N ILE A 316 12.02 -9.27 -5.41
CA ILE A 316 12.31 -10.27 -6.43
C ILE A 316 11.36 -11.46 -6.37
N GLY A 317 10.28 -11.34 -5.61
CA GLY A 317 9.32 -12.41 -5.49
C GLY A 317 9.86 -13.68 -4.86
N GLY A 318 9.86 -14.75 -5.63
CA GLY A 318 10.29 -16.06 -5.20
C GLY A 318 9.17 -17.02 -4.81
N ASP A 319 7.92 -16.62 -4.96
CA ASP A 319 6.78 -17.45 -4.59
C ASP A 319 6.47 -18.48 -5.67
N GLU A 320 6.01 -19.65 -5.21
CA GLU A 320 5.38 -20.67 -6.05
C GLU A 320 6.24 -21.00 -7.26
N ALA A 321 7.55 -21.13 -7.02
CA ALA A 321 8.45 -21.70 -8.03
C ALA A 321 8.38 -23.23 -8.01
N HIS A 322 7.20 -23.76 -8.32
CA HIS A 322 6.91 -25.18 -8.19
C HIS A 322 7.41 -26.01 -9.37
N SER A 323 7.96 -25.38 -10.42
CA SER A 323 8.73 -26.11 -11.44
C SER A 323 10.21 -25.87 -11.28
N THR A 324 10.65 -25.39 -10.12
CA THR A 324 12.06 -25.22 -9.81
C THR A 324 12.40 -26.11 -8.62
N PRO A 325 13.14 -27.19 -8.78
CA PRO A 325 13.44 -28.04 -7.61
C PRO A 325 14.22 -27.28 -6.55
N LYS A 326 13.94 -27.64 -5.29
CA LYS A 326 14.45 -26.90 -4.14
C LYS A 326 15.92 -26.53 -4.33
N ALA A 327 16.76 -27.49 -4.72
CA ALA A 327 18.19 -27.21 -4.87
C ALA A 327 18.49 -26.17 -5.98
N ASP A 328 17.78 -26.23 -7.11
CA ASP A 328 17.94 -25.17 -8.13
C ASP A 328 17.42 -23.83 -7.63
N PHE A 329 16.33 -23.84 -6.85
CA PHE A 329 15.77 -22.59 -6.33
C PHE A 329 16.73 -21.93 -5.37
N VAL A 330 17.32 -22.71 -4.47
CA VAL A 330 18.36 -22.19 -3.58
C VAL A 330 19.54 -21.67 -4.38
N ALA A 331 19.99 -22.44 -5.37
CA ALA A 331 21.05 -22.00 -6.28
C ALA A 331 20.70 -20.66 -6.91
N PHE A 332 19.56 -20.60 -7.60
CA PHE A 332 19.15 -19.38 -8.26
C PHE A 332 19.19 -18.19 -7.31
N MET A 333 18.71 -18.37 -6.08
CA MET A 333 18.58 -17.24 -5.17
C MET A 333 19.92 -16.83 -4.59
N LYS A 334 20.81 -17.81 -4.42
CA LYS A 334 22.18 -17.51 -4.06
C LYS A 334 22.80 -16.55 -5.08
N ARG A 335 22.57 -16.81 -6.38
CA ARG A 335 23.16 -15.98 -7.41
C ARG A 335 22.47 -14.63 -7.56
N VAL A 336 21.14 -14.54 -7.52
CA VAL A 336 20.51 -13.28 -7.93
C VAL A 336 20.40 -12.28 -6.79
N GLN A 337 20.32 -12.70 -5.54
CA GLN A 337 20.15 -11.73 -4.46
C GLN A 337 21.21 -10.64 -4.45
N PRO A 338 22.49 -10.95 -4.61
CA PRO A 338 23.50 -9.88 -4.54
C PRO A 338 23.42 -8.88 -5.70
N ILE A 339 22.73 -9.23 -6.79
CA ILE A 339 22.53 -8.28 -7.89
C ILE A 339 21.78 -7.07 -7.36
N VAL A 340 20.93 -7.28 -6.39
CA VAL A 340 20.11 -6.19 -5.89
C VAL A 340 20.99 -5.17 -5.18
N ALA A 341 21.86 -5.65 -4.28
CA ALA A 341 22.75 -4.73 -3.59
C ALA A 341 23.79 -4.15 -4.53
N LYS A 342 24.20 -4.91 -5.55
CA LYS A 342 25.07 -4.37 -6.58
C LYS A 342 24.52 -3.08 -7.15
N TYR A 343 23.20 -3.00 -7.31
CA TYR A 343 22.55 -1.80 -7.83
C TYR A 343 22.02 -0.94 -6.71
N GLY A 344 22.46 -1.18 -5.48
CA GLY A 344 22.24 -0.26 -4.37
C GLY A 344 20.95 -0.42 -3.60
N LYS A 345 20.23 -1.52 -3.75
CA LYS A 345 18.93 -1.67 -3.11
C LYS A 345 18.92 -2.81 -2.10
N THR A 346 17.88 -2.79 -1.27
CA THR A 346 17.60 -3.85 -0.30
C THR A 346 16.65 -4.88 -0.90
N VAL A 347 16.98 -6.18 -0.77
CA VAL A 347 16.14 -7.20 -1.40
C VAL A 347 14.94 -7.52 -0.51
N VAL A 348 13.80 -7.69 -1.17
CA VAL A 348 12.58 -8.21 -0.56
C VAL A 348 12.18 -9.44 -1.39
N GLY A 349 11.73 -10.48 -0.69
CA GLY A 349 11.18 -11.64 -1.34
C GLY A 349 10.00 -12.15 -0.55
N TRP A 350 9.14 -12.90 -1.22
CA TRP A 350 8.13 -13.66 -0.50
C TRP A 350 8.84 -14.65 0.42
N HIS A 351 8.13 -15.17 1.43
CA HIS A 351 8.84 -15.87 2.52
C HIS A 351 9.40 -17.24 2.10
N GLN A 352 9.10 -17.73 0.91
CA GLN A 352 9.88 -18.82 0.34
C GLN A 352 11.37 -18.52 0.32
N LEU A 353 11.73 -17.24 0.28
CA LEU A 353 13.14 -16.88 0.36
C LEU A 353 13.74 -17.29 1.71
N ALA A 354 12.93 -17.36 2.76
CA ALA A 354 13.48 -17.76 4.06
C ALA A 354 14.15 -19.13 4.01
N GLY A 355 13.83 -19.92 3.00
CA GLY A 355 14.39 -21.25 2.82
C GLY A 355 15.48 -21.31 1.78
N ALA A 356 16.01 -20.16 1.37
CA ALA A 356 17.10 -20.10 0.41
C ALA A 356 18.07 -19.01 0.81
N GLU A 357 18.35 -18.89 2.11
CA GLU A 357 19.46 -18.13 2.67
C GLU A 357 19.39 -16.63 2.38
N PRO A 358 18.51 -15.92 3.07
CA PRO A 358 18.41 -14.47 2.86
C PRO A 358 19.73 -13.79 3.16
N VAL A 359 20.10 -12.84 2.29
CA VAL A 359 21.29 -12.05 2.48
C VAL A 359 21.07 -11.04 3.59
N GLU A 360 22.17 -10.56 4.15
CA GLU A 360 22.14 -9.50 5.14
C GLU A 360 21.30 -8.34 4.63
N GLY A 361 20.40 -7.87 5.47
CA GLY A 361 19.56 -6.73 5.15
C GLY A 361 18.24 -7.07 4.50
N ALA A 362 18.09 -8.28 3.98
CA ALA A 362 16.88 -8.67 3.25
C ALA A 362 15.66 -8.71 4.17
N LEU A 363 14.49 -8.52 3.55
CA LEU A 363 13.19 -8.69 4.19
C LEU A 363 12.45 -9.80 3.48
N VAL A 364 11.53 -10.45 4.19
CA VAL A 364 10.67 -11.42 3.53
C VAL A 364 9.23 -11.15 3.91
N GLN A 365 8.36 -11.44 2.97
CA GLN A 365 6.94 -11.15 3.08
C GLN A 365 6.24 -12.47 3.31
N TYR A 366 5.66 -12.64 4.48
CA TYR A 366 5.01 -13.89 4.84
C TYR A 366 3.56 -13.86 4.37
N TRP A 367 3.19 -14.84 3.53
CA TRP A 367 1.84 -14.91 2.99
C TRP A 367 1.16 -16.22 3.35
N GLY A 368 1.64 -16.89 4.38
CA GLY A 368 0.98 -18.06 4.91
C GLY A 368 -0.33 -17.71 5.60
N LEU A 369 -0.97 -18.75 6.13
CA LEU A 369 -2.29 -18.68 6.75
C LEU A 369 -2.27 -19.54 8.00
N ASP A 370 -3.43 -19.66 8.65
CA ASP A 370 -3.53 -20.49 9.84
C ASP A 370 -3.24 -21.96 9.52
N ARG A 371 -3.74 -22.46 8.38
CA ARG A 371 -3.50 -23.85 8.01
C ARG A 371 -2.04 -24.12 7.60
N THR A 372 -1.19 -23.11 7.54
CA THR A 372 0.19 -23.34 7.19
C THR A 372 0.84 -24.21 8.26
N GLY A 373 1.75 -25.08 7.84
CA GLY A 373 2.36 -26.00 8.75
C GLY A 373 3.45 -25.37 9.59
N ASP A 374 3.78 -26.10 10.66
CA ASP A 374 4.75 -25.62 11.63
C ASP A 374 6.15 -25.54 11.03
N ALA A 375 6.49 -26.46 10.15
CA ALA A 375 7.84 -26.39 9.58
C ALA A 375 8.01 -25.13 8.74
N GLU A 376 7.01 -24.78 7.94
CA GLU A 376 7.09 -23.59 7.10
C GLU A 376 7.18 -22.33 7.94
N LYS A 377 6.32 -22.21 8.93
CA LYS A 377 6.38 -21.08 9.85
C LYS A 377 7.72 -21.03 10.59
N ALA A 378 8.29 -22.18 10.93
CA ALA A 378 9.56 -22.15 11.66
C ALA A 378 10.68 -21.61 10.78
N GLU A 379 10.69 -22.01 9.52
CA GLU A 379 11.67 -21.49 8.58
C GLU A 379 11.65 -19.97 8.54
N VAL A 380 10.45 -19.38 8.57
CA VAL A 380 10.31 -17.94 8.54
C VAL A 380 10.77 -17.34 9.86
N ALA A 381 10.35 -17.92 10.99
CA ALA A 381 10.83 -17.43 12.29
C ALA A 381 12.32 -17.65 12.48
N GLU A 382 12.89 -18.72 11.90
CA GLU A 382 14.33 -18.89 11.98
C GLU A 382 15.07 -17.78 11.23
N ALA A 383 14.56 -17.40 10.04
CA ALA A 383 15.15 -16.27 9.31
C ALA A 383 15.02 -14.97 10.11
N ALA A 384 13.90 -14.78 10.80
CA ALA A 384 13.78 -13.62 11.66
C ALA A 384 14.89 -13.64 12.72
N ARG A 385 15.03 -14.75 13.44
CA ARG A 385 16.11 -14.85 14.43
C ARG A 385 17.46 -14.51 13.80
N ASN A 386 17.65 -14.90 12.55
CA ASN A 386 18.90 -14.68 11.86
C ASN A 386 19.02 -13.27 11.26
N GLY A 387 18.07 -12.37 11.53
CA GLY A 387 18.20 -10.98 11.17
C GLY A 387 17.40 -10.52 9.95
N THR A 388 16.64 -11.41 9.34
CA THR A 388 15.77 -11.07 8.24
C THR A 388 14.53 -10.35 8.76
N GLY A 389 14.23 -9.17 8.23
CA GLY A 389 12.99 -8.51 8.59
C GLY A 389 11.79 -9.24 8.03
N LEU A 390 10.67 -9.09 8.72
CA LEU A 390 9.41 -9.74 8.38
C LEU A 390 8.36 -8.72 7.99
N ILE A 391 7.82 -8.89 6.79
CA ILE A 391 6.58 -8.22 6.40
C ILE A 391 5.47 -9.24 6.48
N LEU A 392 4.44 -8.94 7.25
CA LEU A 392 3.33 -9.84 7.45
C LEU A 392 2.16 -9.49 6.54
N SER A 393 1.74 -10.44 5.72
CA SER A 393 0.55 -10.28 4.89
C SER A 393 -0.16 -11.62 4.76
N PRO A 394 -0.64 -12.17 5.87
CA PRO A 394 -1.28 -13.50 5.81
C PRO A 394 -2.47 -13.52 4.86
N ALA A 395 -2.57 -14.61 4.11
CA ALA A 395 -3.53 -14.70 3.02
C ALA A 395 -4.95 -14.85 3.53
N ASP A 396 -5.11 -15.28 4.77
CA ASP A 396 -6.40 -15.30 5.42
C ASP A 396 -6.57 -14.13 6.36
N ARG A 397 -5.78 -13.08 6.18
CA ARG A 397 -5.99 -11.82 6.91
C ARG A 397 -6.06 -10.60 6.02
N THR A 398 -5.07 -10.40 5.14
CA THR A 398 -4.94 -9.12 4.45
C THR A 398 -4.97 -9.21 2.94
N TYR A 399 -5.31 -10.36 2.37
CA TYR A 399 -5.39 -10.48 0.92
C TYR A 399 -6.73 -9.90 0.51
N LEU A 400 -6.72 -8.69 -0.08
CA LEU A 400 -7.98 -8.02 -0.45
C LEU A 400 -8.67 -8.70 -1.62
N ASP A 401 -8.00 -9.60 -2.34
CA ASP A 401 -8.69 -10.36 -3.36
C ASP A 401 -9.49 -11.53 -2.81
N MET A 402 -9.39 -11.84 -1.52
CA MET A 402 -10.10 -12.98 -0.92
C MET A 402 -11.57 -12.63 -0.64
N LYS A 403 -12.48 -13.51 -1.04
CA LYS A 403 -13.90 -13.33 -0.82
C LYS A 403 -14.20 -13.12 0.65
N TYR A 404 -15.25 -12.33 0.89
CA TYR A 404 -15.71 -12.08 2.26
C TYR A 404 -16.47 -13.29 2.79
N THR A 405 -17.32 -13.85 1.93
CA THR A 405 -18.17 -14.99 2.22
C THR A 405 -18.21 -15.82 0.95
N LYS A 406 -18.85 -17.00 1.04
CA LYS A 406 -19.00 -17.83 -0.16
C LYS A 406 -19.84 -17.16 -1.24
N ASP A 407 -20.58 -16.12 -0.90
CA ASP A 407 -21.44 -15.43 -1.87
C ASP A 407 -20.78 -14.23 -2.54
N THR A 408 -19.57 -13.85 -2.12
CA THR A 408 -18.90 -12.71 -2.75
C THR A 408 -18.74 -12.99 -4.25
N PRO A 409 -19.18 -12.07 -5.11
CA PRO A 409 -19.16 -12.35 -6.56
C PRO A 409 -17.79 -12.31 -7.20
N LEU A 410 -16.86 -11.51 -6.70
CA LEU A 410 -15.50 -11.42 -7.17
C LEU A 410 -14.55 -12.12 -6.17
N GLY A 411 -13.27 -12.16 -6.52
CA GLY A 411 -12.27 -12.68 -5.60
C GLY A 411 -12.08 -14.19 -5.68
N LEU A 412 -11.15 -14.67 -4.86
CA LEU A 412 -10.80 -16.07 -4.68
C LEU A 412 -11.17 -16.55 -3.27
N SER A 413 -11.04 -17.85 -3.05
CA SER A 413 -11.36 -18.44 -1.75
C SER A 413 -10.34 -19.50 -1.33
N TRP A 414 -9.24 -19.65 -2.04
CA TRP A 414 -8.30 -20.70 -1.69
C TRP A 414 -7.82 -20.57 -0.25
N ALA A 415 -7.86 -19.37 0.32
CA ALA A 415 -7.47 -19.14 1.69
C ALA A 415 -8.66 -19.12 2.64
N GLY A 416 -9.82 -19.61 2.19
CA GLY A 416 -11.05 -19.47 2.96
C GLY A 416 -11.69 -18.12 2.69
N TYR A 417 -12.60 -17.76 3.59
CA TYR A 417 -13.33 -16.50 3.51
C TYR A 417 -12.80 -15.53 4.56
N VAL A 418 -12.74 -14.25 4.24
CA VAL A 418 -12.10 -13.26 5.12
C VAL A 418 -13.06 -12.09 5.29
N GLU A 419 -13.86 -12.15 6.37
CA GLU A 419 -14.72 -11.05 6.72
C GLU A 419 -13.92 -9.92 7.37
N VAL A 420 -14.63 -8.81 7.58
CA VAL A 420 -13.99 -7.59 8.03
C VAL A 420 -13.33 -7.81 9.38
N GLN A 421 -14.04 -8.48 10.31
CA GLN A 421 -13.47 -8.70 11.63
C GLN A 421 -12.22 -9.56 11.56
N ARG A 422 -12.28 -10.66 10.80
CA ARG A 422 -11.11 -11.53 10.69
C ARG A 422 -9.89 -10.78 10.19
N SER A 423 -10.08 -9.91 9.19
CA SER A 423 -8.95 -9.18 8.60
C SER A 423 -8.30 -8.23 9.60
N TYR A 424 -9.09 -7.70 10.54
CA TYR A 424 -8.63 -6.69 11.48
C TYR A 424 -8.12 -7.26 12.79
N ASP A 425 -8.69 -8.39 13.23
CA ASP A 425 -8.65 -8.78 14.64
C ASP A 425 -7.48 -9.70 14.94
N TRP A 426 -6.28 -9.11 15.01
CA TRP A 426 -5.05 -9.85 15.31
C TRP A 426 -3.96 -8.83 15.62
N ASP A 427 -2.80 -9.35 16.00
CA ASP A 427 -1.69 -8.53 16.48
C ASP A 427 -0.45 -9.01 15.73
N PRO A 428 0.09 -8.23 14.81
CA PRO A 428 1.32 -8.67 14.13
C PRO A 428 2.42 -9.12 15.06
N ALA A 429 2.45 -8.60 16.30
CA ALA A 429 3.63 -8.77 17.14
C ALA A 429 3.77 -10.21 17.67
N GLY A 430 2.68 -10.84 18.01
CA GLY A 430 2.79 -12.28 18.27
C GLY A 430 2.14 -13.20 17.23
N TYR A 431 2.00 -12.78 15.99
CA TYR A 431 1.20 -13.60 15.08
C TYR A 431 1.97 -14.84 14.64
N LEU A 432 3.28 -14.76 14.54
CA LEU A 432 4.02 -15.89 14.01
C LEU A 432 4.69 -16.63 15.16
N PRO A 433 4.42 -17.91 15.34
CA PRO A 433 5.01 -18.62 16.48
C PRO A 433 6.51 -18.59 16.43
N GLY A 434 7.10 -18.11 17.53
CA GLY A 434 8.53 -18.15 17.70
C GLY A 434 9.28 -17.00 17.11
N ALA A 435 8.58 -16.12 16.38
CA ALA A 435 9.20 -14.99 15.72
C ALA A 435 9.40 -13.89 16.73
N PRO A 436 10.63 -13.37 16.89
CA PRO A 436 10.85 -12.17 17.72
C PRO A 436 10.04 -10.98 17.22
N ALA A 437 9.31 -10.33 18.12
CA ALA A 437 8.47 -9.21 17.67
C ALA A 437 9.31 -8.05 17.12
N ASP A 438 10.59 -7.98 17.45
CA ASP A 438 11.47 -6.97 16.87
C ASP A 438 11.85 -7.30 15.43
N ALA A 439 11.56 -8.50 14.96
CA ALA A 439 11.82 -8.81 13.56
C ALA A 439 10.70 -8.33 12.63
N VAL A 440 9.54 -8.00 13.19
CA VAL A 440 8.38 -7.60 12.40
C VAL A 440 8.53 -6.14 11.99
N ARG A 441 8.67 -5.90 10.70
CA ARG A 441 8.79 -4.54 10.20
C ARG A 441 7.43 -3.90 9.94
N GLY A 442 6.43 -4.71 9.65
CA GLY A 442 5.09 -4.22 9.51
C GLY A 442 4.25 -5.19 8.70
N VAL A 443 3.24 -4.62 8.05
CA VAL A 443 2.17 -5.37 7.41
C VAL A 443 2.05 -4.89 5.97
N GLU A 444 1.40 -5.73 5.14
CA GLU A 444 1.02 -5.35 3.78
C GLU A 444 -0.35 -5.93 3.50
N ALA A 445 -1.16 -5.19 2.73
CA ALA A 445 -2.44 -5.65 2.19
C ALA A 445 -2.31 -5.80 0.68
N PRO A 446 -2.17 -7.01 0.16
CA PRO A 446 -2.06 -7.16 -1.29
C PRO A 446 -3.42 -7.33 -1.95
N LEU A 447 -3.52 -6.81 -3.16
CA LEU A 447 -4.72 -6.94 -3.95
C LEU A 447 -4.36 -7.58 -5.29
N TRP A 448 -4.55 -8.90 -5.39
CA TRP A 448 -4.29 -9.64 -6.63
C TRP A 448 -5.45 -9.49 -7.59
N THR A 449 -5.16 -9.54 -8.90
CA THR A 449 -6.19 -9.19 -9.87
C THR A 449 -6.55 -10.33 -10.86
N GLU A 450 -6.45 -11.61 -10.48
CA GLU A 450 -6.99 -12.67 -11.36
C GLU A 450 -8.41 -12.37 -11.79
N THR A 451 -9.21 -11.80 -10.88
CA THR A 451 -10.65 -11.69 -11.05
C THR A 451 -11.11 -10.24 -11.18
N LEU A 452 -10.19 -9.27 -11.16
CA LEU A 452 -10.57 -7.87 -11.10
C LEU A 452 -10.01 -7.13 -12.30
N SER A 453 -10.89 -6.44 -13.03
CA SER A 453 -10.47 -5.78 -14.26
C SER A 453 -10.87 -4.32 -14.37
N ASP A 454 -11.45 -3.70 -13.34
CA ASP A 454 -11.66 -2.26 -13.43
C ASP A 454 -11.64 -1.65 -12.04
N PRO A 455 -11.50 -0.32 -11.96
CA PRO A 455 -11.25 0.32 -10.67
C PRO A 455 -12.37 0.20 -9.68
N ASP A 456 -13.63 0.15 -10.14
CA ASP A 456 -14.74 -0.03 -9.21
C ASP A 456 -14.67 -1.38 -8.55
N GLN A 457 -14.19 -2.39 -9.29
CA GLN A 457 -14.02 -3.71 -8.74
C GLN A 457 -12.90 -3.72 -7.72
N LEU A 458 -11.77 -3.07 -8.05
CA LEU A 458 -10.70 -2.90 -7.05
C LEU A 458 -11.25 -2.32 -5.76
N ASP A 459 -12.17 -1.36 -5.85
CA ASP A 459 -12.68 -0.70 -4.64
C ASP A 459 -13.50 -1.66 -3.79
N TYR A 460 -14.35 -2.46 -4.43
CA TYR A 460 -15.26 -3.31 -3.69
C TYR A 460 -14.51 -4.38 -2.91
N MET A 461 -13.39 -4.85 -3.44
CA MET A 461 -12.56 -5.80 -2.74
C MET A 461 -11.59 -5.13 -1.76
N ALA A 462 -11.17 -3.89 -2.03
CA ALA A 462 -10.28 -3.23 -1.09
C ALA A 462 -11.03 -2.66 0.11
N PHE A 463 -12.27 -2.23 -0.08
CA PHE A 463 -13.01 -1.57 0.99
C PHE A 463 -14.12 -2.48 1.46
N PRO A 464 -14.25 -2.67 2.79
CA PRO A 464 -13.69 -1.90 3.90
C PRO A 464 -12.50 -2.45 4.65
N ARG A 465 -11.82 -3.46 4.15
CA ARG A 465 -10.70 -4.03 4.92
C ARG A 465 -9.44 -3.19 4.83
N LEU A 466 -9.29 -2.37 3.78
CA LEU A 466 -8.05 -1.61 3.59
C LEU A 466 -7.71 -0.78 4.81
N PRO A 467 -8.63 0.01 5.39
CA PRO A 467 -8.27 0.78 6.61
C PRO A 467 -7.77 -0.08 7.75
N GLY A 468 -8.38 -1.24 7.94
CA GLY A 468 -8.01 -2.10 9.05
C GLY A 468 -6.54 -2.50 9.02
N VAL A 469 -6.05 -2.86 7.84
CA VAL A 469 -4.66 -3.30 7.78
C VAL A 469 -3.73 -2.10 8.00
N ALA A 470 -4.17 -0.93 7.54
CA ALA A 470 -3.47 0.31 7.83
C ALA A 470 -3.38 0.55 9.32
N GLU A 471 -4.47 0.28 10.03
CA GLU A 471 -4.48 0.43 11.49
C GLU A 471 -3.50 -0.54 12.15
N LEU A 472 -3.47 -1.82 11.71
CA LEU A 472 -2.51 -2.75 12.32
C LEU A 472 -1.08 -2.26 12.13
N GLY A 473 -0.81 -1.63 10.99
CA GLY A 473 0.52 -1.11 10.74
C GLY A 473 0.84 0.15 11.52
N TRP A 474 -0.16 0.99 11.80
CA TRP A 474 0.07 2.31 12.41
C TRP A 474 -0.17 2.38 13.92
N SER A 475 -1.28 1.86 14.39
CA SER A 475 -1.76 2.19 15.72
C SER A 475 -1.06 1.37 16.82
N PRO A 476 -1.02 1.89 18.04
CA PRO A 476 -0.55 1.08 19.17
C PRO A 476 -1.46 -0.11 19.42
N ALA A 477 -0.86 -1.24 19.83
CA ALA A 477 -1.69 -2.40 20.15
C ALA A 477 -2.68 -2.06 21.25
N SER A 478 -2.36 -1.08 22.07
CA SER A 478 -3.25 -0.69 23.15
C SER A 478 -4.59 -0.18 22.64
N THR A 479 -4.63 0.40 21.43
CA THR A 479 -5.88 0.90 20.82
C THR A 479 -6.68 -0.17 20.10
N HIS A 480 -6.13 -1.38 19.92
CA HIS A 480 -6.77 -2.43 19.13
C HIS A 480 -7.99 -3.01 19.84
N ASP A 481 -9.14 -2.95 19.18
CA ASP A 481 -10.32 -3.56 19.74
C ASP A 481 -11.44 -3.57 18.72
N TRP A 482 -11.95 -4.76 18.37
CA TRP A 482 -12.90 -4.85 17.26
C TRP A 482 -14.18 -4.09 17.56
N ASP A 483 -14.71 -4.23 18.76
CA ASP A 483 -16.02 -3.64 19.04
C ASP A 483 -15.98 -2.12 18.95
N THR A 484 -14.89 -1.50 19.34
CA THR A 484 -14.80 -0.06 19.17
C THR A 484 -14.31 0.31 17.77
N TYR A 485 -13.40 -0.49 17.18
CA TYR A 485 -12.95 -0.22 15.82
C TYR A 485 -14.11 -0.21 14.82
N LYS A 486 -15.02 -1.16 14.93
CA LYS A 486 -16.07 -1.24 13.92
C LYS A 486 -17.00 -0.02 13.97
N VAL A 487 -17.02 0.69 15.09
CA VAL A 487 -17.76 1.95 15.17
C VAL A 487 -17.07 3.01 14.35
N ARG A 488 -15.75 3.18 14.57
CA ARG A 488 -14.96 4.05 13.72
C ARG A 488 -15.07 3.67 12.25
N LEU A 489 -15.06 2.37 11.95
CA LEU A 489 -15.13 1.95 10.55
C LEU A 489 -16.50 2.23 9.99
N ALA A 490 -17.56 2.02 10.77
CA ALA A 490 -18.91 2.31 10.28
C ALA A 490 -19.07 3.77 9.88
N ALA A 491 -18.39 4.69 10.59
CA ALA A 491 -18.48 6.11 10.26
C ALA A 491 -17.95 6.45 8.87
N GLN A 492 -17.14 5.57 8.25
CA GLN A 492 -16.64 5.89 6.92
C GLN A 492 -17.71 5.80 5.86
N ALA A 493 -18.83 5.12 6.13
CA ALA A 493 -19.76 4.83 5.04
C ALA A 493 -20.15 6.10 4.28
N PRO A 494 -20.66 7.13 4.93
CA PRO A 494 -21.07 8.31 4.16
C PRO A 494 -19.91 9.03 3.52
N TYR A 495 -18.69 8.87 4.03
CA TYR A 495 -17.54 9.43 3.33
C TYR A 495 -17.32 8.70 2.02
N TRP A 496 -17.29 7.37 2.09
CA TRP A 496 -17.12 6.59 0.88
C TRP A 496 -18.25 6.83 -0.11
N GLU A 497 -19.48 6.93 0.37
CA GLU A 497 -20.58 7.19 -0.56
C GLU A 497 -20.39 8.54 -1.26
N ALA A 498 -20.14 9.60 -0.48
CA ALA A 498 -19.93 10.91 -1.08
C ALA A 498 -18.78 10.90 -2.08
N ALA A 499 -17.74 10.10 -1.84
CA ALA A 499 -16.61 10.00 -2.77
C ALA A 499 -16.82 9.03 -3.92
N GLY A 500 -17.90 8.27 -3.96
CA GLY A 500 -18.00 7.28 -5.03
C GLY A 500 -17.09 6.07 -4.86
N ILE A 501 -16.78 5.69 -3.62
CA ILE A 501 -15.97 4.52 -3.35
C ILE A 501 -16.92 3.39 -3.05
N ASP A 502 -17.07 2.46 -3.99
CA ASP A 502 -17.84 1.27 -3.70
C ASP A 502 -17.14 0.45 -2.60
N PHE A 503 -17.94 -0.19 -1.76
CA PHE A 503 -17.40 -1.01 -0.69
C PHE A 503 -18.45 -2.05 -0.30
N TYR A 504 -17.95 -3.15 0.29
CA TYR A 504 -18.76 -4.25 0.77
C TYR A 504 -19.40 -3.90 2.10
N ARG A 505 -20.73 -3.81 2.13
CA ARG A 505 -21.45 -3.48 3.37
C ARG A 505 -21.54 -4.72 4.28
N SER A 506 -20.43 -5.01 4.92
CA SER A 506 -20.34 -6.16 5.80
C SER A 506 -21.42 -6.12 6.86
N PRO A 507 -22.12 -7.24 7.09
CA PRO A 507 -23.07 -7.27 8.21
C PRO A 507 -22.40 -7.16 9.56
N GLN A 508 -21.12 -7.47 9.67
CA GLN A 508 -20.42 -7.32 10.95
C GLN A 508 -20.21 -5.88 11.35
N VAL A 509 -20.44 -4.92 10.47
CA VAL A 509 -20.11 -3.52 10.70
C VAL A 509 -21.40 -2.72 10.80
N PRO A 510 -21.59 -1.98 11.84
CA PRO A 510 -22.87 -1.24 12.04
C PRO A 510 -22.95 0.11 11.32
N TRP A 511 -23.21 0.05 10.02
CA TRP A 511 -22.91 1.15 9.12
C TRP A 511 -23.75 2.40 9.41
N THR A 512 -23.05 3.54 9.40
CA THR A 512 -23.68 4.86 9.53
C THR A 512 -24.28 5.19 8.21
C1 TNX B . -0.89 -16.85 -4.83
S7 TNX B . 0.04 -14.94 -3.01
C2 TNX B . 0.03 -16.11 -5.41
C3 TNX B . -0.39 -15.12 -6.51
C4 TNX B . -1.94 -15.16 -6.57
C5 TNX B . -2.52 -15.17 -5.13
C6 TNX B . -4.03 -15.36 -5.21
C7 TNX B . 1.47 -15.30 -3.80
C8 TNX B . 2.80 -14.76 -3.32
N2 TNX B . 1.36 -16.05 -4.89
O3 TNX B . 0.23 -15.44 -7.71
O4 TNX B . -2.38 -14.04 -7.26
O5 TNX B . -2.01 -16.26 -4.33
O6 TNX B . -4.61 -14.88 -4.03
H1 TNX B . -0.76 -17.77 -4.75
H3 TNX B . 0.00 -14.25 -6.35
H4 TNX B . -2.22 -15.96 -7.03
H5 TNX B . -2.32 -14.34 -4.71
H62 TNX B . -4.24 -16.31 -5.31
H61 TNX B . -4.38 -14.87 -5.96
H83 TNX B . 3.39 -14.64 -4.07
H81 TNX B . 3.19 -15.37 -2.68
H82 TNX B . 2.65 -13.90 -2.89
H2 TNX B . 2.03 -16.46 -5.25
HO3 TNX B . 1.07 -15.31 -7.64
HO4 TNX B . -2.61 -14.27 -8.05
HO6 TNX B . -5.08 -14.19 -4.21
S SO4 C . 5.80 -3.85 19.25
O1 SO4 C . 5.43 -2.80 18.32
O2 SO4 C . 6.60 -3.25 20.31
O3 SO4 C . 6.64 -4.81 18.53
O4 SO4 C . 4.59 -4.43 19.85
S SO4 D . 3.80 33.77 0.21
O1 SO4 D . 3.23 35.10 0.45
O2 SO4 D . 5.26 33.79 0.19
O3 SO4 D . 3.50 32.99 1.39
O4 SO4 D . 3.11 33.19 -0.96
C1 GOL E . -0.14 -21.81 0.38
O1 GOL E . -0.73 -20.94 1.31
C2 GOL E . 1.36 -21.73 0.73
O2 GOL E . 1.69 -22.82 1.58
C3 GOL E . 1.73 -20.43 1.45
O3 GOL E . 3.14 -20.40 1.32
CL CL F . -5.06 -22.60 -17.08
CL CL G . -9.64 8.70 -2.87
CL CL H . -3.53 -22.82 -9.31
CL CL I . 4.30 36.49 9.58
CL CL J . 9.35 13.58 4.06
CL CL K . 10.08 5.06 6.66
CL CL L . -5.50 32.01 -5.40
CL CL M . -23.79 26.39 0.26
#